data_5CB1
#
_entry.id   5CB1
#
_cell.length_a   205.285
_cell.length_b   205.285
_cell.length_c   111.395
_cell.angle_alpha   90.000
_cell.angle_beta   90.000
_cell.angle_gamma   90.000
#
_symmetry.space_group_name_H-M   'I 41 2 2'
#
_entity_poly.entity_id   1
_entity_poly.type   'polypeptide(L)'
_entity_poly.pdbx_seq_one_letter_code
;TNHNLHITEKLEVLAKAYSVQGDKWRALGYAKAINALKSFHKPVTSYQEACSIPGIGKRMAEKIIEILESGHLRKLDHIS
ESVPVLELFSNIWGAGTKTAQMWYQQGFRSLEDIRSQASLTTQQAIGLKHYSDFLERMPREEATEIEQTVQKAAQAFNSG
LLCVACGSYRRGKATCGDVDVLITHPDGRSHRGIFSRLLDSLRQEGFLTDDLVSQEENGQQQKYLGVCRLPGPGRRHRRL
DIIVVPYSEFACALLYFTGSAHFNRSMRALAKTKGMSLSEHALSTAVVRNTHGCKVGPGRVLPTPTEKDVFRLLGLPYRE
PAERDW
;
_entity_poly.pdbx_strand_id   A,B
#
# COMPACT_ATOMS: atom_id res chain seq x y z
N THR A 1 -6.55 36.81 -33.06
CA THR A 1 -7.41 35.66 -33.28
C THR A 1 -7.25 34.62 -32.17
N ASN A 2 -8.20 33.69 -32.10
CA ASN A 2 -8.20 32.68 -31.04
C ASN A 2 -7.73 31.32 -31.52
N HIS A 3 -6.73 30.77 -30.83
CA HIS A 3 -6.21 29.45 -31.17
C HIS A 3 -7.01 28.33 -30.49
N ASN A 4 -7.31 28.51 -29.22
CA ASN A 4 -7.99 27.48 -28.44
C ASN A 4 -9.51 27.55 -28.52
N LEU A 5 -10.03 27.47 -29.75
CA LEU A 5 -11.47 27.48 -29.97
C LEU A 5 -12.14 26.24 -29.42
N HIS A 6 -11.37 25.15 -29.32
CA HIS A 6 -11.89 23.86 -28.88
C HIS A 6 -12.17 23.82 -27.38
N ILE A 7 -11.61 24.76 -26.64
CA ILE A 7 -11.80 24.82 -25.20
C ILE A 7 -12.75 25.94 -24.80
N THR A 8 -12.54 27.13 -25.35
CA THR A 8 -13.33 28.30 -24.99
C THR A 8 -14.79 28.14 -25.38
N GLU A 9 -15.04 27.52 -26.54
CA GLU A 9 -16.39 27.36 -27.06
C GLU A 9 -17.29 26.64 -26.05
N LYS A 10 -16.72 25.67 -25.34
CA LYS A 10 -17.48 24.91 -24.35
C LYS A 10 -17.35 25.53 -22.95
N LEU A 11 -16.35 26.39 -22.77
CA LEU A 11 -16.18 27.11 -21.52
C LEU A 11 -17.15 28.27 -21.39
N GLU A 12 -17.44 28.91 -22.52
CA GLU A 12 -18.40 30.01 -22.56
C GLU A 12 -19.77 29.52 -22.14
N VAL A 13 -20.13 28.33 -22.60
CA VAL A 13 -21.40 27.72 -22.23
C VAL A 13 -21.43 27.41 -20.73
N LEU A 14 -20.32 26.90 -20.21
CA LEU A 14 -20.22 26.57 -18.79
C LEU A 14 -20.27 27.81 -17.91
N ALA A 15 -19.59 28.87 -18.34
CA ALA A 15 -19.58 30.12 -17.58
C ALA A 15 -20.97 30.71 -17.49
N LYS A 16 -21.67 30.77 -18.62
CA LYS A 16 -23.04 31.28 -18.67
C LYS A 16 -23.98 30.46 -17.80
N ALA A 17 -23.85 29.14 -17.87
CA ALA A 17 -24.72 28.24 -17.12
C ALA A 17 -24.55 28.39 -15.61
N TYR A 18 -23.33 28.65 -15.18
CA TYR A 18 -23.02 28.77 -13.75
C TYR A 18 -23.53 30.07 -13.14
N SER A 19 -23.48 31.15 -13.90
CA SER A 19 -23.98 32.43 -13.42
C SER A 19 -25.48 32.35 -13.19
N VAL A 20 -26.16 31.62 -14.07
CA VAL A 20 -27.60 31.39 -13.93
C VAL A 20 -27.90 30.56 -12.68
N GLN A 21 -27.03 29.59 -12.39
CA GLN A 21 -27.20 28.73 -11.23
C GLN A 21 -26.88 29.45 -9.91
N GLY A 22 -26.38 30.68 -10.00
CA GLY A 22 -26.10 31.47 -8.82
C GLY A 22 -24.66 31.45 -8.39
N ASP A 23 -23.89 30.48 -8.90
CA ASP A 23 -22.47 30.39 -8.58
C ASP A 23 -21.69 31.44 -9.35
N LYS A 24 -21.71 32.66 -8.84
CA LYS A 24 -21.08 33.80 -9.52
C LYS A 24 -19.56 33.72 -9.45
N TRP A 25 -19.04 33.05 -8.42
CA TRP A 25 -17.60 32.93 -8.24
C TRP A 25 -16.96 32.04 -9.29
N ARG A 26 -17.56 30.87 -9.52
CA ARG A 26 -17.05 29.96 -10.55
C ARG A 26 -17.18 30.57 -11.94
N ALA A 27 -18.27 31.29 -12.15
CA ALA A 27 -18.52 31.95 -13.44
C ALA A 27 -17.45 32.99 -13.73
N LEU A 28 -16.91 33.59 -12.68
CA LEU A 28 -15.81 34.54 -12.81
C LEU A 28 -14.52 33.81 -13.15
N GLY A 29 -14.31 32.67 -12.52
CA GLY A 29 -13.11 31.87 -12.73
C GLY A 29 -13.01 31.39 -14.17
N TYR A 30 -14.14 31.00 -14.73
CA TYR A 30 -14.20 30.57 -16.12
C TYR A 30 -13.93 31.72 -17.07
N ALA A 31 -14.58 32.86 -16.81
CA ALA A 31 -14.44 34.05 -17.64
C ALA A 31 -12.99 34.52 -17.69
N LYS A 32 -12.29 34.41 -16.56
CA LYS A 32 -10.88 34.78 -16.51
C LYS A 32 -10.01 33.73 -17.17
N ALA A 33 -10.49 32.49 -17.16
CA ALA A 33 -9.78 31.40 -17.82
C ALA A 33 -9.95 31.48 -19.33
N ILE A 34 -11.15 31.87 -19.76
CA ILE A 34 -11.45 32.03 -21.18
C ILE A 34 -10.58 33.12 -21.79
N ASN A 35 -10.42 34.22 -21.06
CA ASN A 35 -9.61 35.33 -21.52
C ASN A 35 -8.15 34.94 -21.69
N ALA A 36 -7.64 34.16 -20.74
CA ALA A 36 -6.25 33.74 -20.77
C ALA A 36 -5.97 32.79 -21.94
N LEU A 37 -6.96 31.98 -22.29
CA LEU A 37 -6.84 31.03 -23.38
C LEU A 37 -6.80 31.73 -24.74
N LYS A 38 -7.65 32.74 -24.91
CA LYS A 38 -7.70 33.49 -26.16
C LYS A 38 -6.40 34.26 -26.38
N SER A 39 -5.81 34.73 -25.29
CA SER A 39 -4.54 35.44 -25.35
C SER A 39 -3.36 34.48 -25.23
N PHE A 40 -3.36 33.45 -26.07
CA PHE A 40 -2.29 32.47 -26.08
C PHE A 40 -1.92 32.12 -27.51
N HIS A 41 -0.62 32.01 -27.77
CA HIS A 41 -0.12 31.84 -29.13
C HIS A 41 -0.40 30.47 -29.74
N LYS A 42 -0.41 29.43 -28.91
CA LYS A 42 -0.61 28.08 -29.40
C LYS A 42 -1.79 27.39 -28.70
N PRO A 43 -2.41 26.41 -29.37
CA PRO A 43 -3.48 25.65 -28.74
C PRO A 43 -2.94 24.77 -27.62
N VAL A 44 -3.66 24.71 -26.50
CA VAL A 44 -3.24 23.89 -25.36
C VAL A 44 -3.84 22.50 -25.44
N THR A 45 -2.99 21.49 -25.34
CA THR A 45 -3.42 20.10 -25.43
C THR A 45 -2.99 19.28 -24.20
N SER A 46 -2.32 19.94 -23.27
CA SER A 46 -1.81 19.26 -22.08
C SER A 46 -2.28 19.93 -20.79
N TYR A 47 -2.21 19.18 -19.69
CA TYR A 47 -2.55 19.73 -18.38
C TYR A 47 -1.54 20.77 -17.93
N GLN A 48 -0.27 20.41 -18.03
CA GLN A 48 0.80 21.27 -17.55
C GLN A 48 0.86 22.59 -18.29
N GLU A 49 0.63 22.55 -19.60
CA GLU A 49 0.63 23.77 -20.41
C GLU A 49 -0.57 24.65 -20.08
N ALA A 50 -1.71 24.01 -19.82
CA ALA A 50 -2.91 24.72 -19.40
C ALA A 50 -2.67 25.35 -18.04
N CYS A 51 -1.95 24.64 -17.18
CA CYS A 51 -1.66 25.10 -15.83
C CYS A 51 -0.58 26.19 -15.84
N SER A 52 0.32 26.11 -16.81
CA SER A 52 1.39 27.10 -16.94
C SER A 52 0.93 28.34 -17.69
N ILE A 53 -0.20 28.89 -17.25
CA ILE A 53 -0.76 30.10 -17.83
C ILE A 53 -1.19 31.01 -16.67
N PRO A 54 -0.81 32.29 -16.74
CA PRO A 54 -1.09 33.27 -15.68
C PRO A 54 -2.54 33.29 -15.21
N GLY A 55 -3.47 33.22 -16.15
CA GLY A 55 -4.89 33.30 -15.80
C GLY A 55 -5.49 32.02 -15.27
N ILE A 56 -4.80 30.90 -15.48
CA ILE A 56 -5.36 29.59 -15.13
C ILE A 56 -4.69 28.96 -13.92
N GLY A 57 -5.50 28.60 -12.92
CA GLY A 57 -5.01 27.94 -11.72
C GLY A 57 -5.05 26.43 -11.86
N LYS A 58 -4.76 25.73 -10.76
CA LYS A 58 -4.70 24.28 -10.78
C LYS A 58 -6.05 23.64 -11.03
N ARG A 59 -7.05 24.03 -10.25
CA ARG A 59 -8.39 23.45 -10.36
C ARG A 59 -8.98 23.70 -11.74
N MET A 60 -8.66 24.85 -12.32
CA MET A 60 -9.18 25.21 -13.63
C MET A 60 -8.53 24.37 -14.72
N ALA A 61 -7.24 24.09 -14.56
CA ALA A 61 -6.51 23.29 -15.53
C ALA A 61 -7.08 21.89 -15.62
N GLU A 62 -7.48 21.35 -14.48
CA GLU A 62 -8.08 20.02 -14.43
C GLU A 62 -9.41 20.00 -15.17
N LYS A 63 -10.16 21.09 -15.08
CA LYS A 63 -11.46 21.17 -15.72
C LYS A 63 -11.29 21.24 -17.24
N ILE A 64 -10.27 21.96 -17.68
CA ILE A 64 -9.96 22.08 -19.10
C ILE A 64 -9.61 20.73 -19.69
N ILE A 65 -8.72 20.01 -19.00
CA ILE A 65 -8.32 18.67 -19.43
C ILE A 65 -9.50 17.72 -19.47
N GLU A 66 -10.29 17.72 -18.39
CA GLU A 66 -11.49 16.91 -18.31
C GLU A 66 -12.41 17.18 -19.50
N ILE A 67 -12.57 18.46 -19.82
CA ILE A 67 -13.33 18.87 -20.99
C ILE A 67 -12.65 18.38 -22.26
N LEU A 68 -11.34 18.58 -22.33
CA LEU A 68 -10.53 18.19 -23.47
C LEU A 68 -10.52 16.67 -23.66
N GLU A 69 -10.33 15.95 -22.55
CA GLU A 69 -10.30 14.49 -22.59
C GLU A 69 -11.68 13.90 -22.88
N SER A 70 -12.73 14.56 -22.41
CA SER A 70 -14.10 14.13 -22.69
C SER A 70 -14.30 14.09 -24.20
N GLY A 71 -14.25 15.25 -24.80
CA GLY A 71 -14.32 15.30 -26.24
C GLY A 71 -15.57 14.71 -26.83
N HIS A 72 -15.31 13.69 -27.61
CA HIS A 72 -16.21 12.85 -28.37
C HIS A 72 -17.03 11.99 -27.40
N LEU A 73 -18.13 11.42 -27.86
CA LEU A 73 -18.50 11.51 -29.25
C LEU A 73 -18.77 12.93 -29.55
N ARG A 74 -19.53 13.52 -28.65
CA ARG A 74 -19.97 14.90 -28.72
C ARG A 74 -20.99 15.08 -29.82
N LYS A 75 -21.47 13.96 -30.35
CA LYS A 75 -22.43 14.00 -31.43
C LYS A 75 -23.74 14.60 -31.02
N LEU A 76 -24.13 14.30 -29.80
CA LEU A 76 -25.44 14.68 -29.31
C LEU A 76 -25.66 16.17 -29.27
N ASP A 77 -26.83 16.59 -29.73
CA ASP A 77 -27.33 17.93 -29.57
C ASP A 77 -26.41 19.03 -29.96
N HIS A 78 -26.36 19.99 -29.07
CA HIS A 78 -25.52 21.17 -29.21
C HIS A 78 -24.94 21.54 -27.84
N ILE A 79 -23.79 22.21 -27.85
CA ILE A 79 -23.11 22.56 -26.60
C ILE A 79 -23.96 23.41 -25.65
N SER A 80 -24.81 24.27 -26.21
CA SER A 80 -25.72 25.10 -25.42
C SER A 80 -26.73 24.25 -24.66
N GLU A 81 -27.14 23.13 -25.26
CA GLU A 81 -28.15 22.26 -24.66
C GLU A 81 -27.51 21.11 -23.91
N SER A 82 -26.39 20.61 -24.43
CA SER A 82 -25.76 19.42 -23.86
C SER A 82 -24.82 19.69 -22.69
N VAL A 83 -23.88 20.62 -22.89
CA VAL A 83 -22.85 20.90 -21.87
C VAL A 83 -23.35 21.20 -20.46
N PRO A 84 -24.36 22.08 -20.30
CA PRO A 84 -24.84 22.34 -18.94
C PRO A 84 -25.41 21.09 -18.27
N VAL A 85 -26.06 20.24 -19.04
CA VAL A 85 -26.63 19.00 -18.51
C VAL A 85 -25.54 17.98 -18.20
N LEU A 86 -24.55 17.89 -19.08
CA LEU A 86 -23.42 16.98 -18.90
C LEU A 86 -22.64 17.34 -17.64
N GLU A 87 -22.44 18.65 -17.44
CA GLU A 87 -21.76 19.15 -16.25
C GLU A 87 -22.59 18.84 -15.02
N LEU A 88 -23.92 18.93 -15.17
CA LEU A 88 -24.85 18.70 -14.09
C LEU A 88 -24.74 17.29 -13.57
N PHE A 89 -24.70 16.33 -14.47
CA PHE A 89 -24.62 14.92 -14.12
C PHE A 89 -23.22 14.54 -13.64
N SER A 90 -22.20 15.14 -14.26
CA SER A 90 -20.81 14.86 -13.90
C SER A 90 -20.51 15.15 -12.43
N ASN A 91 -21.09 16.22 -11.91
CA ASN A 91 -20.85 16.64 -10.52
C ASN A 91 -21.46 15.69 -9.49
N ILE A 92 -22.37 14.83 -9.93
CA ILE A 92 -22.93 13.80 -9.07
C ILE A 92 -21.82 12.83 -8.68
N TRP A 93 -21.77 12.48 -7.40
CA TRP A 93 -20.75 11.56 -6.90
C TRP A 93 -20.92 10.18 -7.54
N GLY A 94 -19.80 9.57 -7.93
CA GLY A 94 -19.83 8.26 -8.55
C GLY A 94 -20.23 8.32 -10.01
N ALA A 95 -20.18 9.51 -10.59
CA ALA A 95 -20.54 9.69 -11.99
C ALA A 95 -19.40 10.32 -12.77
N GLY A 96 -19.16 9.79 -13.97
CA GLY A 96 -18.12 10.32 -14.84
C GLY A 96 -18.72 11.03 -16.04
N THR A 97 -17.87 11.68 -16.83
CA THR A 97 -18.33 12.40 -18.00
C THR A 97 -18.92 11.46 -19.05
N LYS A 98 -18.46 10.22 -19.06
CA LYS A 98 -18.97 9.21 -19.97
C LYS A 98 -20.32 8.70 -19.46
N THR A 99 -20.43 8.56 -18.14
CA THR A 99 -21.68 8.15 -17.52
C THR A 99 -22.73 9.23 -17.71
N ALA A 100 -22.29 10.48 -17.68
CA ALA A 100 -23.17 11.64 -17.89
C ALA A 100 -23.78 11.62 -19.28
N GLN A 101 -22.95 11.35 -20.29
CA GLN A 101 -23.41 11.30 -21.68
C GLN A 101 -24.39 10.15 -21.88
N MET A 102 -24.16 9.06 -21.15
CA MET A 102 -25.07 7.92 -21.18
C MET A 102 -26.48 8.33 -20.75
N TRP A 103 -26.58 8.98 -19.61
CA TRP A 103 -27.85 9.44 -19.13
C TRP A 103 -28.37 10.47 -20.03
N TYR A 104 -27.50 11.34 -20.47
CA TYR A 104 -27.95 12.40 -21.32
C TYR A 104 -28.43 11.83 -22.58
N GLN A 105 -27.74 10.81 -23.05
CA GLN A 105 -28.13 10.22 -24.29
C GLN A 105 -29.46 9.57 -24.25
N GLN A 106 -29.79 8.94 -23.15
CA GLN A 106 -31.06 8.27 -23.07
C GLN A 106 -32.21 9.22 -23.23
N GLY A 107 -32.03 10.43 -22.75
CA GLY A 107 -33.03 11.49 -22.80
C GLY A 107 -33.32 12.09 -21.44
N PHE A 108 -32.28 12.28 -20.65
CA PHE A 108 -32.43 12.85 -19.31
C PHE A 108 -31.82 14.25 -19.25
N ARG A 109 -32.58 15.19 -18.69
CA ARG A 109 -32.13 16.59 -18.66
C ARG A 109 -32.08 17.16 -17.24
N SER A 110 -32.72 16.50 -16.29
CA SER A 110 -32.76 16.99 -14.92
C SER A 110 -32.41 15.91 -13.90
N LEU A 111 -32.18 16.33 -12.66
CA LEU A 111 -31.81 15.38 -11.61
C LEU A 111 -32.98 14.50 -11.20
N GLU A 112 -34.19 15.05 -11.30
CA GLU A 112 -35.39 14.28 -10.98
C GLU A 112 -35.56 13.12 -11.95
N ASP A 113 -35.18 13.34 -13.21
CA ASP A 113 -35.19 12.29 -14.22
C ASP A 113 -34.21 11.20 -13.85
N ILE A 114 -33.05 11.61 -13.32
CA ILE A 114 -32.04 10.68 -12.85
C ILE A 114 -32.51 9.97 -11.59
N ARG A 115 -33.20 10.71 -10.73
CA ARG A 115 -33.66 10.18 -9.45
C ARG A 115 -34.64 9.03 -9.63
N SER A 116 -35.46 9.11 -10.67
CA SER A 116 -36.54 8.16 -10.88
C SER A 116 -36.30 7.24 -12.07
N GLN A 117 -36.04 7.84 -13.24
CA GLN A 117 -36.00 7.09 -14.49
C GLN A 117 -34.62 6.53 -14.83
N ALA A 118 -33.68 6.62 -13.90
CA ALA A 118 -32.32 6.14 -14.16
C ALA A 118 -31.85 5.14 -13.12
N SER A 119 -31.07 4.16 -13.58
CA SER A 119 -30.48 3.15 -12.70
C SER A 119 -29.38 3.80 -11.86
N LEU A 120 -29.47 3.63 -10.54
CA LEU A 120 -28.57 4.31 -9.62
C LEU A 120 -27.63 3.36 -8.89
N THR A 121 -26.33 3.64 -9.00
CA THR A 121 -25.33 2.96 -8.19
C THR A 121 -25.58 3.35 -6.75
N THR A 122 -25.21 2.48 -5.81
CA THR A 122 -25.35 2.79 -4.39
C THR A 122 -24.59 4.07 -4.04
N GLN A 123 -23.46 4.27 -4.72
CA GLN A 123 -22.66 5.48 -4.54
C GLN A 123 -23.34 6.68 -5.19
N GLN A 124 -23.90 6.46 -6.38
CA GLN A 124 -24.57 7.53 -7.12
C GLN A 124 -25.86 7.99 -6.45
N ALA A 125 -26.57 7.05 -5.82
CA ALA A 125 -27.81 7.36 -5.13
C ALA A 125 -27.55 8.27 -3.94
N ILE A 126 -26.42 8.05 -3.27
CA ILE A 126 -26.01 8.91 -2.17
C ILE A 126 -25.65 10.30 -2.68
N GLY A 127 -25.12 10.35 -3.90
CA GLY A 127 -24.73 11.59 -4.52
C GLY A 127 -25.89 12.57 -4.66
N LEU A 128 -27.04 12.07 -5.10
CA LEU A 128 -28.22 12.92 -5.28
C LEU A 128 -28.78 13.41 -3.94
N LYS A 129 -28.66 12.57 -2.91
CA LYS A 129 -29.18 12.91 -1.60
C LYS A 129 -28.47 14.12 -1.00
N HIS A 130 -27.16 14.21 -1.25
CA HIS A 130 -26.36 15.32 -0.75
C HIS A 130 -25.69 16.07 -1.90
N TYR A 131 -26.44 16.33 -2.96
CA TYR A 131 -25.89 16.91 -4.17
C TYR A 131 -25.38 18.34 -3.97
N SER A 132 -26.22 19.21 -3.44
CA SER A 132 -25.86 20.61 -3.25
C SER A 132 -24.70 20.76 -2.27
N ASP A 133 -24.66 19.90 -1.27
CA ASP A 133 -23.61 19.96 -0.25
C ASP A 133 -22.27 19.48 -0.79
N PHE A 134 -22.30 18.46 -1.64
CA PHE A 134 -21.09 17.90 -2.22
C PHE A 134 -20.53 18.82 -3.31
N LEU A 135 -21.40 19.63 -3.90
CA LEU A 135 -21.05 20.49 -5.02
C LEU A 135 -20.14 21.64 -4.62
N GLU A 136 -20.29 22.09 -3.38
CA GLU A 136 -19.51 23.24 -2.91
C GLU A 136 -18.24 22.81 -2.20
N ARG A 137 -17.25 23.70 -2.17
CA ARG A 137 -16.02 23.46 -1.44
C ARG A 137 -16.26 23.75 0.03
N MET A 138 -15.41 23.20 0.89
CA MET A 138 -15.52 23.48 2.32
C MET A 138 -14.36 24.35 2.78
N PRO A 139 -14.59 25.19 3.80
CA PRO A 139 -13.52 25.99 4.42
C PRO A 139 -12.46 25.10 5.03
N ARG A 140 -11.24 25.61 5.14
CA ARG A 140 -10.12 24.84 5.69
C ARG A 140 -10.35 24.44 7.15
N GLU A 141 -10.88 25.37 7.93
CA GLU A 141 -11.07 25.15 9.35
C GLU A 141 -12.15 24.11 9.64
N GLU A 142 -13.11 23.95 8.73
CA GLU A 142 -14.11 22.91 8.87
C GLU A 142 -13.46 21.55 8.69
N ALA A 143 -12.59 21.45 7.70
CA ALA A 143 -11.82 20.23 7.46
C ALA A 143 -10.90 19.95 8.65
N THR A 144 -10.41 21.02 9.27
CA THR A 144 -9.58 20.88 10.47
C THR A 144 -10.40 20.28 11.59
N GLU A 145 -11.68 20.63 11.64
CA GLU A 145 -12.58 20.13 12.67
C GLU A 145 -12.95 18.67 12.40
N ILE A 146 -12.99 18.30 11.12
CA ILE A 146 -13.27 16.92 10.74
C ILE A 146 -12.11 16.02 11.14
N GLU A 147 -10.88 16.49 10.89
CA GLU A 147 -9.69 15.74 11.27
C GLU A 147 -9.66 15.50 12.77
N GLN A 148 -10.02 16.53 13.54
CA GLN A 148 -10.00 16.45 15.00
C GLN A 148 -11.01 15.45 15.55
N THR A 149 -12.21 15.43 14.97
CA THR A 149 -13.27 14.54 15.42
C THR A 149 -12.87 13.08 15.24
N VAL A 150 -12.41 12.74 14.04
CA VAL A 150 -11.96 11.39 13.73
C VAL A 150 -10.78 11.00 14.62
N GLN A 151 -9.89 11.96 14.88
CA GLN A 151 -8.72 11.72 15.71
C GLN A 151 -9.09 11.41 17.15
N LYS A 152 -10.00 12.21 17.72
CA LYS A 152 -10.41 12.05 19.10
C LYS A 152 -11.12 10.72 19.34
N ALA A 153 -11.94 10.30 18.38
CA ALA A 153 -12.65 9.03 18.48
C ALA A 153 -11.69 7.85 18.31
N ALA A 154 -10.70 8.04 17.45
CA ALA A 154 -9.71 6.99 17.20
C ALA A 154 -8.73 6.87 18.36
N GLN A 155 -8.33 8.01 18.92
CA GLN A 155 -7.39 8.02 20.04
C GLN A 155 -8.03 7.49 21.32
N ALA A 156 -9.35 7.38 21.32
CA ALA A 156 -10.07 6.83 22.46
C ALA A 156 -9.76 5.35 22.62
N PHE A 157 -9.64 4.65 21.50
CA PHE A 157 -9.30 3.23 21.49
C PHE A 157 -7.83 3.02 21.84
N ASN A 158 -6.95 3.80 21.21
CA ASN A 158 -5.52 3.70 21.46
C ASN A 158 -4.89 5.07 21.60
N SER A 159 -4.08 5.23 22.64
CA SER A 159 -3.45 6.52 22.93
C SER A 159 -2.40 6.91 21.88
N GLY A 160 -1.64 5.92 21.42
CA GLY A 160 -0.55 6.18 20.50
C GLY A 160 -0.96 6.22 19.04
N LEU A 161 -2.25 6.06 18.78
CA LEU A 161 -2.77 6.07 17.42
C LEU A 161 -2.65 7.47 16.81
N LEU A 162 -2.19 7.53 15.57
CA LEU A 162 -1.92 8.82 14.91
C LEU A 162 -2.83 9.08 13.72
N CYS A 163 -3.45 10.25 13.71
CA CYS A 163 -4.33 10.64 12.61
C CYS A 163 -3.83 11.93 11.94
N VAL A 164 -3.64 11.87 10.63
CA VAL A 164 -3.17 13.01 9.86
C VAL A 164 -4.06 13.26 8.65
N ALA A 165 -4.59 14.49 8.54
CA ALA A 165 -5.44 14.84 7.42
C ALA A 165 -4.59 15.11 6.18
N CYS A 166 -5.08 14.66 5.03
CA CYS A 166 -4.33 14.79 3.78
C CYS A 166 -5.17 15.47 2.70
N GLY A 167 -4.62 15.51 1.49
CA GLY A 167 -5.31 16.11 0.37
C GLY A 167 -5.05 17.60 0.29
N SER A 168 -6.08 18.36 -0.05
CA SER A 168 -5.97 19.80 -0.18
C SER A 168 -5.54 20.42 1.15
N TYR A 169 -6.04 19.85 2.25
CA TYR A 169 -5.77 20.37 3.58
C TYR A 169 -4.29 20.37 3.93
N ARG A 170 -3.64 19.23 3.80
CA ARG A 170 -2.24 19.11 4.23
C ARG A 170 -1.32 19.98 3.38
N ARG A 171 -1.74 20.26 2.14
CA ARG A 171 -0.96 21.12 1.26
C ARG A 171 -1.12 22.59 1.63
N GLY A 172 -1.96 22.86 2.63
CA GLY A 172 -2.11 24.20 3.16
C GLY A 172 -3.07 25.07 2.37
N LYS A 173 -3.83 24.47 1.48
CA LYS A 173 -4.81 25.22 0.69
C LYS A 173 -5.93 25.77 1.56
N ALA A 174 -6.58 26.83 1.07
CA ALA A 174 -7.59 27.54 1.84
C ALA A 174 -8.94 26.82 1.85
N THR A 175 -9.23 26.07 0.79
CA THR A 175 -10.49 25.33 0.70
C THR A 175 -10.26 23.89 0.24
N CYS A 176 -11.09 22.98 0.74
CA CYS A 176 -10.96 21.56 0.43
C CYS A 176 -12.25 20.99 -0.13
N GLY A 177 -12.14 20.19 -1.19
CA GLY A 177 -13.30 19.56 -1.79
C GLY A 177 -13.79 18.41 -0.95
N ASP A 178 -12.86 17.57 -0.51
CA ASP A 178 -13.15 16.48 0.40
C ASP A 178 -12.06 16.36 1.45
N VAL A 179 -12.24 15.45 2.39
CA VAL A 179 -11.24 15.24 3.44
C VAL A 179 -10.78 13.79 3.48
N ASP A 180 -9.47 13.59 3.39
CA ASP A 180 -8.88 12.25 3.50
C ASP A 180 -8.08 12.14 4.78
N VAL A 181 -8.53 11.29 5.69
CA VAL A 181 -7.85 11.11 6.97
C VAL A 181 -7.06 9.80 7.01
N LEU A 182 -5.75 9.92 7.21
CA LEU A 182 -4.86 8.76 7.25
C LEU A 182 -4.54 8.39 8.69
N ILE A 183 -4.72 7.12 9.03
CA ILE A 183 -4.50 6.65 10.39
C ILE A 183 -3.48 5.51 10.46
N THR A 184 -2.56 5.61 11.41
CA THR A 184 -1.55 4.56 11.60
C THR A 184 -1.05 4.54 13.04
N HIS A 185 -0.21 3.56 13.36
CA HIS A 185 0.39 3.46 14.67
C HIS A 185 1.87 3.10 14.55
N PRO A 186 2.73 3.82 15.28
CA PRO A 186 4.20 3.67 15.27
C PRO A 186 4.72 2.24 15.30
N ASP A 187 4.16 1.38 16.16
CA ASP A 187 4.64 0.00 16.25
C ASP A 187 4.28 -0.81 15.01
N GLY A 188 3.11 -0.54 14.45
CA GLY A 188 2.67 -1.20 13.23
C GLY A 188 1.76 -2.39 13.51
N ARG A 189 1.47 -2.64 14.78
CA ARG A 189 0.62 -3.76 15.16
C ARG A 189 -0.75 -3.28 15.64
N SER A 190 -0.76 -2.12 16.28
CA SER A 190 -1.97 -1.61 16.93
C SER A 190 -3.08 -1.23 15.96
N HIS A 191 -2.71 -0.73 14.79
CA HIS A 191 -3.66 -0.20 13.82
C HIS A 191 -4.73 -1.21 13.36
N ARG A 192 -4.41 -2.50 13.47
CA ARG A 192 -5.31 -3.54 12.99
C ARG A 192 -6.57 -3.66 13.85
N GLY A 193 -7.71 -3.81 13.19
CA GLY A 193 -8.98 -3.98 13.88
C GLY A 193 -9.60 -2.67 14.34
N ILE A 194 -8.83 -1.60 14.33
CA ILE A 194 -9.31 -0.29 14.75
C ILE A 194 -10.29 0.28 13.72
N PHE A 195 -9.99 0.04 12.45
CA PHE A 195 -10.80 0.54 11.34
C PHE A 195 -12.29 0.27 11.52
N SER A 196 -12.64 -0.97 11.85
CA SER A 196 -14.03 -1.36 12.00
C SER A 196 -14.67 -0.74 13.25
N ARG A 197 -13.91 -0.69 14.34
CA ARG A 197 -14.42 -0.14 15.58
C ARG A 197 -14.62 1.38 15.51
N LEU A 198 -13.71 2.06 14.82
CA LEU A 198 -13.76 3.50 14.70
C LEU A 198 -15.00 3.98 13.93
N LEU A 199 -15.26 3.33 12.79
CA LEU A 199 -16.42 3.67 11.98
C LEU A 199 -17.71 3.53 12.76
N ASP A 200 -17.81 2.46 13.56
CA ASP A 200 -19.00 2.20 14.36
C ASP A 200 -19.24 3.31 15.38
N SER A 201 -18.18 3.69 16.10
CA SER A 201 -18.27 4.73 17.12
C SER A 201 -18.70 6.06 16.53
N LEU A 202 -18.17 6.38 15.36
CA LEU A 202 -18.50 7.62 14.66
C LEU A 202 -19.92 7.54 14.09
N ARG A 203 -20.28 6.36 13.58
CA ARG A 203 -21.60 6.13 13.01
C ARG A 203 -22.66 6.22 14.10
N GLN A 204 -22.34 5.68 15.27
CA GLN A 204 -23.24 5.72 16.43
C GLN A 204 -23.47 7.15 16.90
N GLU A 205 -22.40 7.94 16.91
CA GLU A 205 -22.46 9.31 17.40
C GLU A 205 -23.22 10.22 16.43
N GLY A 206 -23.32 9.79 15.17
CA GLY A 206 -24.07 10.54 14.17
C GLY A 206 -23.19 11.30 13.21
N PHE A 207 -21.88 11.18 13.36
CA PHE A 207 -20.92 11.86 12.50
C PHE A 207 -20.99 11.32 11.07
N LEU A 208 -21.19 10.02 10.94
CA LEU A 208 -21.30 9.39 9.63
C LEU A 208 -22.75 9.10 9.26
N THR A 209 -23.20 9.71 8.16
CA THR A 209 -24.50 9.39 7.59
C THR A 209 -24.32 8.80 6.19
N ASP A 210 -25.32 8.01 5.76
CA ASP A 210 -25.21 7.23 4.51
C ASP A 210 -23.89 6.47 4.52
N ASP A 211 -23.67 5.75 5.60
CA ASP A 211 -22.37 5.18 5.94
C ASP A 211 -21.65 4.45 4.81
N LEU A 212 -22.24 3.37 4.37
CA LEU A 212 -21.56 2.50 3.42
C LEU A 212 -21.26 3.02 2.04
N VAL A 213 -20.13 2.53 1.57
CA VAL A 213 -19.70 2.56 0.23
C VAL A 213 -18.79 1.42 0.40
N SER A 214 -18.46 0.74 -0.67
CA SER A 214 -17.79 -0.50 -0.51
C SER A 214 -16.67 -0.03 0.34
N GLN A 215 -16.22 -0.90 1.22
CA GLN A 215 -15.07 -0.61 2.03
C GLN A 215 -14.15 -1.42 1.22
N GLU A 216 -12.99 -0.88 0.91
CA GLU A 216 -12.11 -1.53 0.00
C GLU A 216 -10.95 -2.13 0.70
N GLU A 217 -10.27 -3.07 0.04
CA GLU A 217 -9.12 -3.74 0.63
C GLU A 217 -7.95 -3.68 -0.35
N ASN A 218 -6.88 -3.00 0.05
CA ASN A 218 -5.67 -2.90 -0.75
C ASN A 218 -4.47 -3.42 0.02
N GLY A 219 -4.44 -4.73 0.25
CA GLY A 219 -3.39 -5.33 1.06
C GLY A 219 -3.53 -4.94 2.51
N GLN A 220 -2.55 -4.18 3.00
CA GLN A 220 -2.56 -3.74 4.39
C GLN A 220 -3.49 -2.55 4.59
N GLN A 221 -3.68 -1.75 3.55
CA GLN A 221 -4.52 -0.55 3.63
C GLN A 221 -6.00 -0.87 3.67
N GLN A 222 -6.72 -0.14 4.54
CA GLN A 222 -8.17 -0.25 4.62
C GLN A 222 -8.79 1.12 4.42
N LYS A 223 -9.61 1.25 3.37
CA LYS A 223 -10.20 2.53 3.02
C LYS A 223 -11.72 2.54 3.19
N TYR A 224 -12.22 3.60 3.81
CA TYR A 224 -13.65 3.79 3.93
C TYR A 224 -14.07 5.04 3.15
N LEU A 225 -15.02 4.87 2.25
CA LEU A 225 -15.62 5.99 1.55
C LEU A 225 -16.98 6.28 2.18
N GLY A 226 -17.23 7.53 2.50
CA GLY A 226 -18.46 7.90 3.16
C GLY A 226 -18.66 9.39 3.27
N VAL A 227 -19.83 9.79 3.75
CA VAL A 227 -20.14 11.20 3.93
C VAL A 227 -20.28 11.52 5.41
N CYS A 228 -19.97 12.76 5.78
CA CYS A 228 -19.98 13.15 7.18
C CYS A 228 -20.54 14.56 7.40
N ARG A 229 -21.06 14.78 8.60
CA ARG A 229 -21.59 16.08 8.98
C ARG A 229 -21.24 16.42 10.42
N LEU A 230 -20.71 17.62 10.63
CA LEU A 230 -20.35 18.08 11.97
C LEU A 230 -21.60 18.34 12.79
N PRO A 231 -21.49 18.18 14.13
CA PRO A 231 -22.60 18.51 15.02
C PRO A 231 -22.82 20.01 15.03
N GLY A 232 -24.06 20.45 15.23
CA GLY A 232 -24.38 21.85 15.26
C GLY A 232 -25.19 22.28 14.06
N PRO A 233 -25.86 23.45 14.17
CA PRO A 233 -26.69 23.97 13.09
C PRO A 233 -25.83 24.59 11.98
N GLY A 234 -26.40 24.75 10.80
CA GLY A 234 -25.70 25.35 9.68
C GLY A 234 -24.59 24.47 9.15
N ARG A 235 -24.68 23.17 9.44
CA ARG A 235 -23.70 22.21 8.95
C ARG A 235 -24.23 21.47 7.74
N ARG A 236 -23.38 21.32 6.73
CA ARG A 236 -23.77 20.63 5.50
C ARG A 236 -22.93 19.37 5.35
N HIS A 237 -23.46 18.39 4.63
CA HIS A 237 -22.80 17.10 4.46
C HIS A 237 -21.47 17.22 3.72
N ARG A 238 -20.46 16.50 4.14
CA ARG A 238 -19.24 16.50 3.37
C ARG A 238 -18.75 15.11 3.19
N ARG A 239 -18.02 14.86 2.13
CA ARG A 239 -17.39 13.59 1.87
C ARG A 239 -16.25 13.35 2.76
N LEU A 240 -16.13 12.16 3.30
CA LEU A 240 -14.99 11.80 4.09
C LEU A 240 -14.44 10.51 3.65
N ASP A 241 -13.11 10.39 3.70
CA ASP A 241 -12.39 9.14 3.47
C ASP A 241 -11.44 8.84 4.61
N ILE A 242 -11.60 7.66 5.22
CA ILE A 242 -10.75 7.24 6.32
C ILE A 242 -9.89 6.05 5.91
N ILE A 243 -8.57 6.22 5.98
CA ILE A 243 -7.66 5.15 5.57
C ILE A 243 -6.74 4.73 6.71
N VAL A 244 -6.70 3.43 6.97
CA VAL A 244 -5.85 2.89 8.04
C VAL A 244 -4.74 2.04 7.45
N VAL A 245 -3.49 2.48 7.68
CA VAL A 245 -2.33 1.83 7.11
C VAL A 245 -1.31 1.46 8.19
N PRO A 246 -0.46 0.47 7.92
CA PRO A 246 0.64 0.17 8.85
C PRO A 246 1.72 1.24 8.79
N TYR A 247 2.57 1.30 9.81
CA TYR A 247 3.57 2.36 9.92
C TYR A 247 4.63 2.27 8.83
N SER A 248 4.86 1.07 8.31
CA SER A 248 5.84 0.88 7.26
C SER A 248 5.38 1.52 5.95
N GLU A 249 4.08 1.37 5.67
CA GLU A 249 3.50 1.91 4.46
C GLU A 249 3.02 3.34 4.65
N PHE A 250 3.17 3.86 5.87
CA PHE A 250 2.66 5.17 6.22
C PHE A 250 3.35 6.30 5.47
N ALA A 251 4.67 6.19 5.32
CA ALA A 251 5.44 7.25 4.65
C ALA A 251 5.03 7.40 3.20
N CYS A 252 4.80 6.30 2.52
CA CYS A 252 4.43 6.33 1.10
C CYS A 252 2.95 6.63 0.92
N ALA A 253 2.13 6.24 1.89
CA ALA A 253 0.70 6.52 1.86
C ALA A 253 0.47 8.00 2.08
N LEU A 254 1.26 8.59 2.97
CA LEU A 254 1.20 10.02 3.25
C LEU A 254 1.48 10.79 1.97
N LEU A 255 2.60 10.48 1.33
CA LEU A 255 3.03 11.17 0.12
C LEU A 255 1.98 11.07 -0.99
N TYR A 256 1.39 9.90 -1.15
CA TYR A 256 0.38 9.66 -2.18
C TYR A 256 -0.92 10.42 -1.90
N PHE A 257 -1.39 10.33 -0.66
CA PHE A 257 -2.67 10.95 -0.30
C PHE A 257 -2.59 12.47 -0.13
N THR A 258 -1.40 12.96 0.19
CA THR A 258 -1.19 14.40 0.31
C THR A 258 -1.34 15.07 -1.05
N GLY A 259 -0.80 14.42 -2.08
CA GLY A 259 -0.88 14.94 -3.42
C GLY A 259 0.32 15.80 -3.77
N SER A 260 0.21 16.58 -4.84
CA SER A 260 -1.01 16.61 -5.64
C SER A 260 -1.04 15.48 -6.67
N ALA A 261 -2.13 15.44 -7.43
CA ALA A 261 -2.31 14.42 -8.46
C ALA A 261 -1.18 14.49 -9.47
N HIS A 262 -0.86 15.70 -9.93
CA HIS A 262 0.20 15.88 -10.90
C HIS A 262 1.57 15.68 -10.25
N PHE A 263 1.64 15.93 -8.94
CA PHE A 263 2.90 15.75 -8.22
C PHE A 263 3.26 14.27 -8.19
N ASN A 264 2.33 13.45 -7.73
CA ASN A 264 2.50 12.00 -7.70
C ASN A 264 2.86 11.46 -9.08
N ARG A 265 2.11 11.90 -10.08
CA ARG A 265 2.33 11.49 -11.47
C ARG A 265 3.76 11.76 -11.91
N SER A 266 4.31 12.89 -11.47
CA SER A 266 5.68 13.25 -11.79
C SER A 266 6.67 12.43 -10.95
N MET A 267 6.26 12.07 -9.74
CA MET A 267 7.11 11.28 -8.86
C MET A 267 7.25 9.86 -9.38
N ARG A 268 6.16 9.32 -9.92
CA ARG A 268 6.20 7.99 -10.52
C ARG A 268 7.09 8.00 -11.75
N ALA A 269 6.97 9.07 -12.54
CA ALA A 269 7.79 9.25 -13.73
C ALA A 269 9.25 9.38 -13.34
N LEU A 270 9.52 10.17 -12.31
CA LEU A 270 10.88 10.36 -11.82
C LEU A 270 11.46 9.06 -11.28
N ALA A 271 10.64 8.31 -10.57
CA ALA A 271 11.06 7.03 -10.02
C ALA A 271 11.38 6.04 -11.13
N LYS A 272 10.57 6.08 -12.19
CA LYS A 272 10.74 5.15 -13.31
C LYS A 272 12.09 5.33 -14.00
N THR A 273 12.57 6.57 -14.06
CA THR A 273 13.83 6.86 -14.73
C THR A 273 15.03 6.45 -13.87
N LYS A 274 14.82 6.37 -12.56
CA LYS A 274 15.88 5.97 -11.65
C LYS A 274 15.80 4.49 -11.28
N GLY A 275 14.93 3.77 -11.98
CA GLY A 275 14.79 2.34 -11.79
C GLY A 275 14.05 1.96 -10.53
N MET A 276 13.07 2.77 -10.17
CA MET A 276 12.24 2.49 -9.02
C MET A 276 10.78 2.69 -9.42
N SER A 277 9.86 2.25 -8.56
CA SER A 277 8.45 2.45 -8.80
C SER A 277 7.77 2.90 -7.51
N LEU A 278 7.06 4.02 -7.58
CA LEU A 278 6.44 4.59 -6.40
C LEU A 278 4.94 4.29 -6.37
N SER A 279 4.55 3.40 -5.47
CA SER A 279 3.14 3.10 -5.24
C SER A 279 2.73 3.71 -3.92
N GLU A 280 1.43 3.74 -3.66
CA GLU A 280 0.92 4.31 -2.41
C GLU A 280 1.30 3.43 -1.23
N HIS A 281 1.65 2.18 -1.51
CA HIS A 281 1.99 1.24 -0.47
C HIS A 281 3.46 1.37 -0.06
N ALA A 282 4.35 1.39 -1.05
CA ALA A 282 5.78 1.52 -0.78
C ALA A 282 6.57 1.94 -2.01
N LEU A 283 7.79 2.41 -1.78
CA LEU A 283 8.71 2.71 -2.86
C LEU A 283 9.62 1.52 -3.10
N SER A 284 9.47 0.89 -4.27
CA SER A 284 10.23 -0.30 -4.59
C SER A 284 11.03 -0.13 -5.89
N THR A 285 12.09 -0.93 -6.03
CA THR A 285 12.90 -0.90 -7.24
C THR A 285 12.09 -1.42 -8.42
N ALA A 286 12.35 -0.88 -9.60
CA ALA A 286 11.62 -1.29 -10.80
C ALA A 286 11.90 -2.75 -11.12
N VAL A 287 10.95 -3.38 -11.78
CA VAL A 287 11.11 -4.78 -12.18
C VAL A 287 12.29 -4.94 -13.14
N VAL A 288 13.19 -5.85 -12.79
CA VAL A 288 14.41 -6.07 -13.58
C VAL A 288 14.10 -6.67 -14.95
N ARG A 289 14.56 -6.00 -16.00
CA ARG A 289 14.39 -6.49 -17.37
C ARG A 289 15.74 -6.59 -18.06
N ASN A 290 15.87 -7.51 -19.00
CA ASN A 290 17.09 -7.60 -19.80
C ASN A 290 17.14 -6.48 -20.83
N THR A 291 18.06 -6.59 -21.78
CA THR A 291 18.20 -5.55 -22.79
C THR A 291 17.02 -5.53 -23.76
N HIS A 292 16.47 -6.71 -24.04
CA HIS A 292 15.40 -6.83 -25.02
C HIS A 292 14.02 -6.57 -24.44
N GLY A 293 13.95 -6.43 -23.12
CA GLY A 293 12.71 -6.08 -22.44
C GLY A 293 12.03 -7.22 -21.72
N CYS A 294 12.67 -8.38 -21.67
CA CYS A 294 12.10 -9.54 -21.01
C CYS A 294 12.24 -9.43 -19.50
N LYS A 295 11.12 -9.53 -18.79
CA LYS A 295 11.12 -9.49 -17.33
C LYS A 295 11.88 -10.68 -16.75
N VAL A 296 13.00 -10.42 -16.08
CA VAL A 296 13.86 -11.50 -15.59
C VAL A 296 13.94 -11.55 -14.08
N GLY A 297 13.50 -10.50 -13.40
CA GLY A 297 13.54 -10.45 -11.95
C GLY A 297 12.57 -9.44 -11.37
N PRO A 298 11.91 -9.80 -10.27
CA PRO A 298 10.96 -8.91 -9.61
C PRO A 298 11.67 -7.81 -8.84
N GLY A 299 11.06 -6.64 -8.75
CA GLY A 299 11.63 -5.55 -7.98
C GLY A 299 11.43 -5.78 -6.50
N ARG A 300 12.36 -5.29 -5.69
CA ARG A 300 12.26 -5.44 -4.25
C ARG A 300 11.82 -4.14 -3.58
N VAL A 301 11.18 -4.26 -2.43
CA VAL A 301 10.65 -3.10 -1.72
C VAL A 301 11.71 -2.44 -0.85
N LEU A 302 11.82 -1.12 -0.95
CA LEU A 302 12.78 -0.36 -0.17
C LEU A 302 12.15 0.17 1.12
N PRO A 303 12.93 0.19 2.21
CA PRO A 303 12.48 0.69 3.50
C PRO A 303 12.39 2.22 3.55
N THR A 304 11.16 2.74 3.65
CA THR A 304 10.95 4.17 3.78
C THR A 304 10.16 4.48 5.04
N PRO A 305 10.88 4.77 6.14
CA PRO A 305 10.27 5.05 7.44
C PRO A 305 9.54 6.40 7.47
N THR A 306 10.20 7.45 6.99
CA THR A 306 9.62 8.78 6.99
C THR A 306 9.41 9.28 5.57
N GLU A 307 8.66 10.38 5.45
CA GLU A 307 8.38 10.97 4.15
C GLU A 307 9.65 11.53 3.50
N LYS A 308 10.59 11.94 4.33
CA LYS A 308 11.86 12.49 3.84
C LYS A 308 12.72 11.42 3.19
N ASP A 309 12.60 10.19 3.67
CA ASP A 309 13.40 9.08 3.16
C ASP A 309 13.06 8.74 1.71
N VAL A 310 11.81 8.96 1.33
CA VAL A 310 11.38 8.73 -0.04
C VAL A 310 12.09 9.70 -0.98
N PHE A 311 12.14 10.97 -0.59
CA PHE A 311 12.79 12.00 -1.40
C PHE A 311 14.28 11.74 -1.57
N ARG A 312 14.94 11.30 -0.51
CA ARG A 312 16.38 11.04 -0.56
C ARG A 312 16.71 9.91 -1.54
N LEU A 313 15.91 8.84 -1.49
CA LEU A 313 16.13 7.70 -2.38
C LEU A 313 15.91 8.08 -3.84
N LEU A 314 15.04 9.06 -4.08
CA LEU A 314 14.77 9.52 -5.43
C LEU A 314 15.75 10.62 -5.84
N GLY A 315 16.66 10.97 -4.94
CA GLY A 315 17.65 11.99 -5.21
C GLY A 315 17.05 13.37 -5.36
N LEU A 316 15.83 13.54 -4.88
CA LEU A 316 15.12 14.80 -4.99
C LEU A 316 15.10 15.52 -3.65
N PRO A 317 15.48 16.80 -3.63
CA PRO A 317 15.44 17.59 -2.40
C PRO A 317 14.01 17.68 -1.86
N TYR A 318 13.88 17.66 -0.53
CA TYR A 318 12.56 17.60 0.11
C TYR A 318 11.67 18.78 -0.27
N ARG A 319 10.41 18.48 -0.57
CA ARG A 319 9.43 19.51 -0.86
C ARG A 319 8.25 19.41 0.10
N GLU A 320 7.97 20.50 0.81
CA GLU A 320 6.86 20.54 1.75
C GLU A 320 5.54 20.54 1.00
N PRO A 321 4.49 19.96 1.59
CA PRO A 321 3.15 19.81 0.98
C PRO A 321 2.62 21.07 0.30
N ALA A 322 3.05 22.25 0.76
CA ALA A 322 2.64 23.50 0.14
C ALA A 322 3.26 23.63 -1.25
N GLU A 323 4.46 23.07 -1.41
CA GLU A 323 5.18 23.15 -2.67
C GLU A 323 4.90 21.93 -3.55
N ARG A 324 3.92 21.12 -3.14
CA ARG A 324 3.53 19.94 -3.90
C ARG A 324 2.21 20.18 -4.62
N ASP A 325 1.75 21.42 -4.63
CA ASP A 325 0.47 21.76 -5.24
C ASP A 325 0.48 21.49 -6.74
N TRP A 326 1.47 22.05 -7.43
CA TRP A 326 1.70 21.79 -8.86
C TRP A 326 0.43 21.84 -9.72
N SER B 82 36.12 6.24 -0.88
CA SER B 82 36.14 5.22 0.16
C SER B 82 34.81 4.48 0.26
N VAL B 83 34.84 3.19 -0.06
CA VAL B 83 33.66 2.34 -0.01
C VAL B 83 33.47 1.46 1.26
N PRO B 84 34.48 1.34 2.15
CA PRO B 84 34.15 0.43 3.26
C PRO B 84 33.11 0.99 4.23
N VAL B 85 32.90 2.30 4.19
CA VAL B 85 31.88 2.94 5.02
C VAL B 85 30.48 2.55 4.52
N LEU B 86 30.34 2.36 3.22
CA LEU B 86 29.10 1.89 2.63
C LEU B 86 28.89 0.42 3.00
N GLU B 87 29.97 -0.35 2.94
CA GLU B 87 29.94 -1.74 3.38
C GLU B 87 29.61 -1.81 4.87
N LEU B 88 30.13 -0.84 5.62
CA LEU B 88 29.87 -0.73 7.04
C LEU B 88 28.39 -0.50 7.32
N PHE B 89 27.75 0.27 6.45
CA PHE B 89 26.32 0.55 6.57
C PHE B 89 25.48 -0.60 6.01
N SER B 90 26.02 -1.32 5.04
CA SER B 90 25.31 -2.40 4.37
C SER B 90 25.05 -3.59 5.30
N ASN B 91 26.01 -3.83 6.19
CA ASN B 91 25.94 -4.98 7.09
C ASN B 91 24.86 -4.84 8.16
N ILE B 92 24.27 -3.66 8.26
CA ILE B 92 23.15 -3.43 9.16
C ILE B 92 21.95 -4.22 8.69
N TRP B 93 21.25 -4.86 9.63
CA TRP B 93 20.07 -5.65 9.31
C TRP B 93 18.98 -4.76 8.73
N GLY B 94 18.48 -5.13 7.55
CA GLY B 94 17.42 -4.38 6.89
C GLY B 94 17.93 -3.13 6.22
N ALA B 95 19.21 -3.12 5.84
CA ALA B 95 19.80 -1.97 5.17
C ALA B 95 20.29 -2.32 3.78
N GLY B 96 19.53 -1.90 2.77
CA GLY B 96 19.90 -2.16 1.38
C GLY B 96 21.04 -1.26 0.92
N THR B 97 21.49 -1.48 -0.31
CA THR B 97 22.55 -0.65 -0.88
C THR B 97 22.01 0.74 -1.18
N LYS B 98 20.75 0.80 -1.58
CA LYS B 98 20.07 2.08 -1.81
C LYS B 98 20.04 2.89 -0.52
N THR B 99 19.78 2.20 0.58
CA THR B 99 19.73 2.84 1.89
C THR B 99 21.12 3.26 2.35
N ALA B 100 22.11 2.43 2.01
CA ALA B 100 23.49 2.68 2.41
C ALA B 100 24.04 3.94 1.74
N GLN B 101 23.77 4.08 0.45
CA GLN B 101 24.21 5.24 -0.31
C GLN B 101 23.59 6.52 0.23
N MET B 102 22.32 6.43 0.61
CA MET B 102 21.58 7.58 1.14
C MET B 102 22.23 8.13 2.41
N TRP B 103 22.55 7.23 3.34
CA TRP B 103 23.17 7.61 4.59
C TRP B 103 24.55 8.26 4.38
N TYR B 104 25.29 7.74 3.41
CA TYR B 104 26.57 8.33 3.04
C TYR B 104 26.35 9.67 2.36
N GLN B 105 25.29 9.75 1.55
CA GLN B 105 24.94 10.98 0.85
C GLN B 105 24.47 12.03 1.86
N GLN B 106 23.98 11.56 3.01
CA GLN B 106 23.60 12.45 4.10
C GLN B 106 24.84 12.95 4.83
N GLY B 107 25.98 12.35 4.53
CA GLY B 107 27.25 12.79 5.08
C GLY B 107 27.67 12.06 6.34
N PHE B 108 26.90 11.03 6.71
CA PHE B 108 27.18 10.28 7.92
C PHE B 108 28.50 9.50 7.79
N ARG B 109 29.25 9.47 8.88
CA ARG B 109 30.59 8.90 8.85
C ARG B 109 30.69 7.57 9.61
N SER B 110 29.80 7.37 10.58
CA SER B 110 29.84 6.15 11.39
C SER B 110 28.46 5.69 11.87
N LEU B 111 28.44 4.61 12.64
CA LEU B 111 27.21 4.04 13.15
C LEU B 111 26.63 4.91 14.26
N GLU B 112 27.52 5.54 15.02
CA GLU B 112 27.11 6.42 16.11
C GLU B 112 26.30 7.60 15.58
N ASP B 113 26.61 8.02 14.35
CA ASP B 113 25.89 9.10 13.70
C ASP B 113 24.45 8.68 13.42
N ILE B 114 24.30 7.45 12.92
CA ILE B 114 22.98 6.90 12.60
C ILE B 114 22.11 6.76 13.86
N ARG B 115 22.75 6.35 14.96
CA ARG B 115 22.07 6.15 16.23
C ARG B 115 21.44 7.45 16.72
N SER B 116 22.05 8.58 16.38
CA SER B 116 21.65 9.87 16.93
C SER B 116 20.68 10.67 16.06
N GLN B 117 20.99 10.79 14.78
CA GLN B 117 20.28 11.75 13.93
C GLN B 117 19.61 11.15 12.69
N ALA B 118 19.65 9.84 12.55
CA ALA B 118 19.10 9.19 11.37
C ALA B 118 17.73 8.53 11.62
N SER B 119 16.81 8.75 10.68
CA SER B 119 15.50 8.10 10.74
C SER B 119 15.65 6.62 10.45
N LEU B 120 15.11 5.78 11.33
CA LEU B 120 15.31 4.34 11.22
C LEU B 120 14.02 3.54 11.15
N THR B 121 14.06 2.46 10.38
CA THR B 121 12.96 1.49 10.34
C THR B 121 13.05 0.68 11.63
N THR B 122 11.92 0.14 12.06
CA THR B 122 11.87 -0.72 13.24
C THR B 122 12.89 -1.85 13.14
N GLN B 123 12.99 -2.44 11.95
CA GLN B 123 13.96 -3.50 11.71
C GLN B 123 15.39 -2.97 11.70
N GLN B 124 15.59 -1.81 11.08
CA GLN B 124 16.91 -1.20 11.00
C GLN B 124 17.42 -0.78 12.38
N ALA B 125 16.51 -0.34 13.23
CA ALA B 125 16.86 0.09 14.58
C ALA B 125 17.49 -1.06 15.36
N ILE B 126 16.89 -2.25 15.21
CA ILE B 126 17.40 -3.45 15.87
C ILE B 126 18.71 -3.90 15.23
N GLY B 127 18.88 -3.59 13.95
CA GLY B 127 20.09 -3.93 13.23
C GLY B 127 21.33 -3.32 13.86
N LEU B 128 21.19 -2.09 14.38
CA LEU B 128 22.28 -1.41 15.05
C LEU B 128 22.41 -1.87 16.50
N LYS B 129 21.26 -2.13 17.11
CA LYS B 129 21.18 -2.52 18.52
C LYS B 129 21.94 -3.82 18.80
N HIS B 130 21.92 -4.72 17.83
CA HIS B 130 22.62 -5.99 17.95
C HIS B 130 23.60 -6.17 16.79
N TYR B 131 24.20 -5.07 16.36
CA TYR B 131 25.09 -5.05 15.21
C TYR B 131 26.34 -5.92 15.42
N SER B 132 26.77 -6.02 16.67
CA SER B 132 27.98 -6.76 17.02
C SER B 132 27.79 -8.26 16.80
N ASP B 133 26.59 -8.75 17.09
CA ASP B 133 26.31 -10.18 17.03
C ASP B 133 25.86 -10.64 15.65
N PHE B 134 25.31 -9.72 14.86
CA PHE B 134 24.76 -10.06 13.55
C PHE B 134 25.85 -10.35 12.52
N LEU B 135 27.04 -9.81 12.73
CA LEU B 135 28.14 -9.97 11.79
C LEU B 135 28.69 -11.39 11.74
N GLU B 136 28.73 -12.06 12.89
CA GLU B 136 29.33 -13.38 12.98
C GLU B 136 28.32 -14.50 12.71
N ARG B 137 28.74 -15.48 11.92
CA ARG B 137 27.88 -16.61 11.57
C ARG B 137 28.05 -17.75 12.57
N MET B 138 26.95 -18.18 13.17
CA MET B 138 26.99 -19.21 14.20
C MET B 138 27.19 -20.62 13.66
N PRO B 139 28.01 -21.43 14.39
CA PRO B 139 28.18 -22.85 14.10
C PRO B 139 26.89 -23.63 14.38
N ARG B 140 26.80 -24.85 13.84
CA ARG B 140 25.59 -25.66 13.93
C ARG B 140 25.04 -25.84 15.34
N GLU B 141 25.94 -26.05 16.30
CA GLU B 141 25.57 -26.41 17.66
C GLU B 141 24.51 -25.50 18.28
N GLU B 142 24.57 -24.21 17.97
CA GLU B 142 23.57 -23.26 18.47
C GLU B 142 22.19 -23.54 17.88
N ALA B 143 22.12 -23.64 16.56
CA ALA B 143 20.85 -23.90 15.87
C ALA B 143 20.22 -25.20 16.36
N THR B 144 21.07 -26.20 16.58
CA THR B 144 20.63 -27.48 17.13
C THR B 144 20.04 -27.24 18.52
N GLU B 145 20.68 -26.36 19.28
CA GLU B 145 20.25 -26.03 20.63
C GLU B 145 19.08 -25.04 20.59
N ILE B 146 19.07 -24.18 19.58
CA ILE B 146 17.97 -23.22 19.39
C ILE B 146 16.67 -23.95 19.05
N GLU B 147 16.77 -24.93 18.15
CA GLU B 147 15.61 -25.73 17.74
C GLU B 147 14.98 -26.45 18.92
N GLN B 148 15.82 -27.09 19.74
CA GLN B 148 15.35 -27.81 20.92
C GLN B 148 14.71 -26.86 21.93
N THR B 149 15.29 -25.66 22.03
CA THR B 149 14.79 -24.65 22.97
C THR B 149 13.37 -24.22 22.59
N VAL B 150 13.13 -24.12 21.28
CA VAL B 150 11.81 -23.77 20.78
C VAL B 150 10.86 -24.95 20.89
N GLN B 151 11.38 -26.15 20.60
CA GLN B 151 10.56 -27.36 20.62
C GLN B 151 10.15 -27.77 22.04
N LYS B 152 11.05 -27.59 23.00
CA LYS B 152 10.76 -27.92 24.39
C LYS B 152 9.57 -27.10 24.89
N ALA B 153 9.57 -25.81 24.58
CA ALA B 153 8.48 -24.93 24.97
C ALA B 153 7.23 -25.22 24.16
N ALA B 154 7.42 -25.63 22.91
CA ALA B 154 6.29 -25.91 22.01
C ALA B 154 5.61 -27.23 22.36
N GLN B 155 6.40 -28.27 22.61
CA GLN B 155 5.86 -29.58 22.96
C GLN B 155 5.22 -29.58 24.34
N ALA B 156 5.45 -28.52 25.10
CA ALA B 156 4.83 -28.37 26.41
C ALA B 156 3.36 -28.02 26.27
N PHE B 157 3.05 -27.12 25.34
CA PHE B 157 1.67 -26.75 25.05
C PHE B 157 0.90 -27.92 24.45
N ASN B 158 1.57 -28.68 23.58
CA ASN B 158 0.99 -29.87 23.00
C ASN B 158 2.07 -30.89 22.65
N SER B 159 1.93 -32.09 23.19
CA SER B 159 2.97 -33.11 23.08
C SER B 159 3.13 -33.68 21.67
N GLY B 160 2.14 -33.44 20.82
CA GLY B 160 2.10 -34.06 19.51
C GLY B 160 2.81 -33.34 18.38
N LEU B 161 3.01 -32.04 18.52
CA LEU B 161 3.60 -31.24 17.45
C LEU B 161 5.07 -31.57 17.18
N LEU B 162 5.53 -31.28 15.98
CA LEU B 162 6.93 -31.48 15.61
C LEU B 162 7.57 -30.19 15.12
N CYS B 163 8.75 -29.88 15.65
CA CYS B 163 9.46 -28.66 15.29
C CYS B 163 10.69 -28.96 14.47
N VAL B 164 10.74 -28.43 13.25
CA VAL B 164 11.84 -28.68 12.34
C VAL B 164 12.55 -27.38 11.98
N ALA B 165 13.83 -27.28 12.32
CA ALA B 165 14.63 -26.13 11.92
C ALA B 165 14.98 -26.26 10.44
N CYS B 166 14.88 -25.16 9.71
CA CYS B 166 15.09 -25.19 8.27
C CYS B 166 16.26 -24.33 7.84
N GLY B 167 16.38 -24.09 6.54
CA GLY B 167 17.43 -23.25 6.00
C GLY B 167 18.76 -23.98 5.91
N SER B 168 19.83 -23.29 6.30
CA SER B 168 21.18 -23.85 6.22
C SER B 168 21.37 -25.02 7.17
N TYR B 169 20.64 -25.01 8.28
CA TYR B 169 20.73 -26.08 9.28
C TYR B 169 20.25 -27.41 8.71
N ARG B 170 19.00 -27.43 8.26
CA ARG B 170 18.42 -28.62 7.64
C ARG B 170 19.24 -29.04 6.42
N ARG B 171 19.82 -28.06 5.75
CA ARG B 171 20.64 -28.30 4.57
C ARG B 171 21.92 -29.03 4.94
N GLY B 172 22.38 -28.85 6.17
CA GLY B 172 23.55 -29.54 6.67
C GLY B 172 24.85 -28.75 6.46
N LYS B 173 24.74 -27.43 6.44
CA LYS B 173 25.91 -26.58 6.31
C LYS B 173 26.63 -26.44 7.64
N ALA B 174 27.91 -26.08 7.59
CA ALA B 174 28.72 -25.95 8.80
C ALA B 174 28.23 -24.84 9.71
N THR B 175 27.91 -23.68 9.11
CA THR B 175 27.44 -22.54 9.87
C THR B 175 26.16 -21.96 9.25
N CYS B 176 25.34 -21.32 10.08
CA CYS B 176 24.08 -20.75 9.62
C CYS B 176 23.98 -19.27 10.00
N GLY B 177 23.65 -18.42 9.03
CA GLY B 177 23.49 -17.02 9.30
C GLY B 177 22.28 -16.74 10.18
N ASP B 178 21.12 -17.21 9.74
CA ASP B 178 19.88 -17.07 10.50
C ASP B 178 19.30 -18.45 10.81
N VAL B 179 18.19 -18.47 11.55
CA VAL B 179 17.55 -19.73 11.90
C VAL B 179 16.04 -19.67 11.70
N ASP B 180 15.51 -20.59 10.90
CA ASP B 180 14.07 -20.71 10.71
C ASP B 180 13.55 -21.94 11.47
N VAL B 181 12.36 -21.81 12.06
CA VAL B 181 11.77 -22.92 12.79
C VAL B 181 10.34 -23.20 12.32
N LEU B 182 10.11 -24.41 11.84
CA LEU B 182 8.81 -24.79 11.31
C LEU B 182 8.07 -25.70 12.28
N ILE B 183 6.81 -25.38 12.54
CA ILE B 183 6.03 -26.07 13.57
C ILE B 183 4.66 -26.51 13.05
N THR B 184 4.30 -27.76 13.31
CA THR B 184 3.02 -28.30 12.87
C THR B 184 2.64 -29.58 13.62
N HIS B 185 1.37 -29.71 13.97
CA HIS B 185 0.85 -30.93 14.56
C HIS B 185 0.08 -31.72 13.50
N PRO B 186 0.49 -32.97 13.25
CA PRO B 186 -0.12 -33.94 12.32
C PRO B 186 -1.65 -33.98 12.34
N ASP B 187 -2.25 -33.46 13.41
CA ASP B 187 -3.70 -33.38 13.52
C ASP B 187 -4.27 -32.56 12.36
N GLY B 188 -3.65 -31.40 12.11
CA GLY B 188 -4.14 -30.49 11.11
C GLY B 188 -5.26 -29.63 11.66
N ARG B 189 -5.52 -29.80 12.95
CA ARG B 189 -6.57 -29.05 13.63
C ARG B 189 -6.02 -28.54 14.96
N SER B 190 -4.91 -29.14 15.39
CA SER B 190 -4.31 -28.82 16.69
C SER B 190 -3.10 -27.90 16.58
N HIS B 191 -2.86 -27.39 15.37
CA HIS B 191 -1.75 -26.47 15.15
C HIS B 191 -2.16 -25.05 15.48
N ARG B 192 -3.47 -24.81 15.52
CA ARG B 192 -4.01 -23.48 15.76
C ARG B 192 -3.79 -23.00 17.20
N GLY B 193 -3.50 -21.72 17.34
CA GLY B 193 -3.39 -21.11 18.66
C GLY B 193 -2.06 -21.31 19.37
N ILE B 194 -1.34 -22.34 18.99
CA ILE B 194 -0.06 -22.67 19.62
C ILE B 194 0.95 -21.53 19.44
N PHE B 195 0.90 -20.93 18.26
CA PHE B 195 1.84 -19.87 17.89
C PHE B 195 1.84 -18.68 18.85
N SER B 196 0.66 -18.14 19.12
CA SER B 196 0.53 -16.96 19.98
C SER B 196 0.99 -17.23 21.41
N ARG B 197 0.60 -18.37 21.96
CA ARG B 197 0.97 -18.76 23.32
C ARG B 197 2.46 -19.05 23.43
N LEU B 198 3.00 -19.73 22.42
CA LEU B 198 4.40 -20.15 22.43
C LEU B 198 5.37 -18.98 22.56
N LEU B 199 5.11 -17.92 21.80
CA LEU B 199 5.95 -16.73 21.80
C LEU B 199 6.09 -16.13 23.20
N ASP B 200 4.94 -15.87 23.84
CA ASP B 200 4.92 -15.31 25.19
C ASP B 200 5.71 -16.17 26.16
N SER B 201 5.48 -17.48 26.12
CA SER B 201 6.21 -18.44 26.94
C SER B 201 7.72 -18.31 26.72
N LEU B 202 8.11 -18.09 25.46
CA LEU B 202 9.50 -17.89 25.10
C LEU B 202 9.98 -16.50 25.53
N ARG B 203 9.05 -15.55 25.61
CA ARG B 203 9.37 -14.19 26.01
C ARG B 203 9.59 -14.07 27.51
N GLN B 204 8.80 -14.80 28.30
CA GLN B 204 8.92 -14.74 29.75
C GLN B 204 10.28 -15.27 30.20
N GLU B 205 10.78 -16.29 29.51
CA GLU B 205 12.07 -16.89 29.86
C GLU B 205 13.24 -16.09 29.28
N GLY B 206 12.92 -15.00 28.59
CA GLY B 206 13.93 -14.13 28.01
C GLY B 206 14.66 -14.78 26.84
N PHE B 207 14.02 -15.76 26.22
CA PHE B 207 14.58 -16.44 25.07
C PHE B 207 14.51 -15.53 23.84
N LEU B 208 13.39 -14.84 23.71
CA LEU B 208 13.19 -13.90 22.62
C LEU B 208 13.34 -12.47 23.14
N THR B 209 14.57 -11.96 23.11
CA THR B 209 14.87 -10.64 23.63
C THR B 209 14.15 -9.54 22.86
N ASP B 210 14.51 -9.39 21.59
CA ASP B 210 13.91 -8.36 20.76
C ASP B 210 12.93 -8.93 19.76
N ASP B 211 11.74 -8.34 19.73
CA ASP B 211 10.72 -8.75 18.78
C ASP B 211 10.41 -7.67 17.77
N LEU B 212 11.14 -7.67 16.65
CA LEU B 212 10.69 -6.96 15.46
C LEU B 212 9.49 -7.80 15.04
N VAL B 213 8.35 -7.57 15.68
CA VAL B 213 7.20 -8.46 15.54
C VAL B 213 6.82 -8.67 14.07
N SER B 214 6.64 -7.57 13.35
CA SER B 214 6.16 -7.60 11.96
C SER B 214 5.06 -8.65 11.78
N GLN B 215 4.21 -8.77 12.80
CA GLN B 215 3.21 -9.81 12.89
C GLN B 215 2.40 -9.93 11.62
N GLU B 216 2.44 -11.11 11.00
CA GLU B 216 1.78 -11.29 9.72
C GLU B 216 1.17 -12.67 9.57
N GLU B 217 0.01 -12.71 8.93
CA GLU B 217 -0.66 -13.96 8.62
C GLU B 217 -0.84 -14.09 7.12
N ASN B 218 -0.17 -15.08 6.52
CA ASN B 218 -0.35 -15.37 5.11
C ASN B 218 -1.21 -16.61 4.94
N GLY B 219 -2.50 -16.38 4.66
CA GLY B 219 -3.45 -17.47 4.55
C GLY B 219 -3.66 -18.16 5.88
N GLN B 220 -3.25 -19.42 5.98
CA GLN B 220 -3.38 -20.18 7.21
C GLN B 220 -2.07 -20.16 8.00
N GLN B 221 -0.97 -19.88 7.30
CA GLN B 221 0.34 -19.83 7.93
C GLN B 221 0.51 -18.61 8.81
N GLN B 222 1.22 -18.78 9.92
CA GLN B 222 1.52 -17.68 10.83
C GLN B 222 3.02 -17.55 11.01
N LYS B 223 3.58 -16.43 10.55
CA LYS B 223 5.02 -16.26 10.52
C LYS B 223 5.50 -15.22 11.52
N TYR B 224 6.55 -15.58 12.27
CA TYR B 224 7.15 -14.66 13.21
C TYR B 224 8.61 -14.41 12.85
N LEU B 225 8.98 -13.14 12.78
CA LEU B 225 10.37 -12.76 12.59
C LEU B 225 10.85 -12.03 13.83
N GLY B 226 12.15 -12.10 14.11
CA GLY B 226 12.70 -11.44 15.27
C GLY B 226 14.09 -11.89 15.67
N VAL B 227 14.55 -11.38 16.81
CA VAL B 227 15.87 -11.70 17.32
C VAL B 227 15.75 -12.68 18.48
N CYS B 228 16.83 -13.38 18.79
CA CYS B 228 16.78 -14.43 19.81
C CYS B 228 18.13 -14.66 20.47
N ARG B 229 18.08 -15.21 21.69
CA ARG B 229 19.27 -15.58 22.44
C ARG B 229 18.94 -16.60 23.52
N LEU B 230 19.74 -17.65 23.59
CA LEU B 230 19.58 -18.68 24.62
C LEU B 230 20.49 -18.34 25.81
N PRO B 231 20.18 -18.88 27.00
CA PRO B 231 20.93 -18.61 28.24
C PRO B 231 22.44 -18.51 28.06
N GLY B 232 23.00 -17.38 28.44
CA GLY B 232 24.43 -17.10 28.24
C GLY B 232 25.30 -17.62 29.35
N PRO B 233 26.31 -16.82 29.75
CA PRO B 233 26.57 -15.48 29.22
C PRO B 233 27.45 -15.49 27.97
N GLY B 234 27.89 -16.66 27.54
CA GLY B 234 28.79 -16.76 26.41
C GLY B 234 28.11 -16.71 25.05
N ARG B 235 26.78 -16.58 25.06
CA ARG B 235 26.02 -16.59 23.81
C ARG B 235 25.81 -15.19 23.25
N ARG B 236 25.71 -15.11 21.91
CA ARG B 236 25.42 -13.85 21.24
C ARG B 236 24.01 -13.85 20.67
N HIS B 237 23.42 -12.66 20.53
CA HIS B 237 22.07 -12.52 20.01
C HIS B 237 22.00 -12.92 18.55
N ARG B 238 21.06 -13.79 18.21
CA ARG B 238 20.97 -14.32 16.85
C ARG B 238 19.53 -14.37 16.33
N ARG B 239 19.37 -14.07 15.05
CA ARG B 239 18.05 -13.99 14.41
C ARG B 239 17.30 -15.32 14.41
N LEU B 240 15.99 -15.25 14.61
CA LEU B 240 15.15 -16.44 14.65
C LEU B 240 13.82 -16.21 13.94
N ASP B 241 13.45 -17.13 13.07
CA ASP B 241 12.16 -17.07 12.40
C ASP B 241 11.31 -18.27 12.82
N ILE B 242 10.09 -17.99 13.29
CA ILE B 242 9.19 -19.06 13.71
C ILE B 242 7.91 -19.06 12.88
N ILE B 243 7.69 -20.15 12.16
CA ILE B 243 6.51 -20.28 11.31
C ILE B 243 5.67 -21.48 11.71
N VAL B 244 4.37 -21.27 11.86
CA VAL B 244 3.44 -22.35 12.16
C VAL B 244 2.48 -22.56 11.00
N VAL B 245 2.54 -23.75 10.41
CA VAL B 245 1.72 -24.06 9.24
C VAL B 245 0.84 -25.29 9.49
N PRO B 246 -0.30 -25.37 8.79
CA PRO B 246 -1.15 -26.58 8.86
C PRO B 246 -0.41 -27.78 8.27
N TYR B 247 -0.96 -28.97 8.44
CA TYR B 247 -0.29 -30.18 7.95
C TYR B 247 -0.38 -30.28 6.43
N SER B 248 -1.42 -29.68 5.84
CA SER B 248 -1.60 -29.69 4.40
C SER B 248 -0.47 -28.94 3.71
N GLU B 249 -0.06 -27.84 4.32
CA GLU B 249 0.96 -26.97 3.75
C GLU B 249 2.33 -27.22 4.38
N PHE B 250 2.45 -28.33 5.11
CA PHE B 250 3.68 -28.64 5.83
C PHE B 250 4.84 -28.93 4.88
N ALA B 251 4.66 -29.92 4.01
CA ALA B 251 5.71 -30.36 3.10
C ALA B 251 6.21 -29.25 2.18
N CYS B 252 5.29 -28.42 1.70
CA CYS B 252 5.65 -27.32 0.82
C CYS B 252 6.34 -26.19 1.58
N ALA B 253 5.95 -26.01 2.84
CA ALA B 253 6.60 -25.02 3.69
C ALA B 253 8.03 -25.46 3.96
N LEU B 254 8.20 -26.76 4.16
CA LEU B 254 9.53 -27.35 4.32
C LEU B 254 10.39 -27.01 3.12
N LEU B 255 9.93 -27.41 1.94
CA LEU B 255 10.69 -27.23 0.70
C LEU B 255 11.02 -25.77 0.41
N TYR B 256 10.15 -24.86 0.86
CA TYR B 256 10.39 -23.44 0.69
C TYR B 256 11.45 -22.92 1.65
N PHE B 257 11.22 -23.13 2.94
CA PHE B 257 12.09 -22.59 3.99
C PHE B 257 13.45 -23.29 4.06
N THR B 258 13.54 -24.50 3.51
CA THR B 258 14.81 -25.21 3.46
C THR B 258 15.68 -24.64 2.34
N GLY B 259 15.02 -24.15 1.29
CA GLY B 259 15.71 -23.52 0.19
C GLY B 259 16.49 -24.47 -0.67
N SER B 260 17.59 -23.99 -1.27
CA SER B 260 18.04 -22.61 -1.08
C SER B 260 17.26 -21.65 -1.97
N ALA B 261 17.64 -20.37 -1.93
CA ALA B 261 16.95 -19.33 -2.69
C ALA B 261 16.97 -19.65 -4.18
N HIS B 262 18.13 -19.99 -4.71
CA HIS B 262 18.26 -20.29 -6.12
C HIS B 262 17.58 -21.60 -6.49
N PHE B 263 17.59 -22.54 -5.54
CA PHE B 263 16.92 -23.83 -5.75
C PHE B 263 15.42 -23.61 -5.93
N ASN B 264 14.84 -22.77 -5.09
CA ASN B 264 13.43 -22.42 -5.18
C ASN B 264 13.10 -21.73 -6.51
N ARG B 265 13.99 -20.85 -6.95
CA ARG B 265 13.82 -20.16 -8.21
C ARG B 265 13.71 -21.13 -9.38
N SER B 266 14.52 -22.18 -9.36
CA SER B 266 14.50 -23.20 -10.40
C SER B 266 13.24 -24.05 -10.29
N MET B 267 12.91 -24.46 -9.07
CA MET B 267 11.75 -25.31 -8.82
C MET B 267 10.44 -24.59 -9.13
N ARG B 268 10.34 -23.32 -8.75
CA ARG B 268 9.15 -22.53 -9.05
C ARG B 268 9.00 -22.37 -10.56
N ALA B 269 10.14 -22.31 -11.25
CA ALA B 269 10.15 -22.16 -12.70
C ALA B 269 9.79 -23.47 -13.40
N LEU B 270 10.38 -24.57 -12.94
CA LEU B 270 10.10 -25.90 -13.48
C LEU B 270 8.62 -26.22 -13.37
N ALA B 271 7.99 -25.77 -12.29
CA ALA B 271 6.57 -25.99 -12.09
C ALA B 271 5.75 -25.24 -13.14
N LYS B 272 6.08 -23.97 -13.36
CA LYS B 272 5.38 -23.15 -14.33
C LYS B 272 5.56 -23.72 -15.74
N THR B 273 6.72 -24.32 -15.97
CA THR B 273 7.03 -24.96 -17.24
C THR B 273 6.10 -26.14 -17.48
N LYS B 274 5.50 -26.63 -16.40
CA LYS B 274 4.67 -27.83 -16.44
C LYS B 274 3.21 -27.56 -16.06
N GLY B 275 2.81 -26.29 -16.14
CA GLY B 275 1.41 -25.92 -15.99
C GLY B 275 0.91 -25.76 -14.57
N MET B 276 1.82 -25.62 -13.62
CA MET B 276 1.43 -25.45 -12.22
C MET B 276 2.35 -24.46 -11.48
N SER B 277 1.96 -24.07 -10.27
CA SER B 277 2.74 -23.09 -9.52
C SER B 277 3.11 -23.60 -8.13
N LEU B 278 4.35 -23.34 -7.71
CA LEU B 278 4.84 -23.77 -6.42
C LEU B 278 5.03 -22.58 -5.48
N SER B 279 4.31 -22.60 -4.36
CA SER B 279 4.39 -21.52 -3.40
C SER B 279 4.82 -22.00 -2.02
N GLU B 280 4.72 -21.12 -1.03
CA GLU B 280 5.03 -21.47 0.35
C GLU B 280 3.97 -22.44 0.86
N HIS B 281 2.76 -22.27 0.36
CA HIS B 281 1.61 -23.02 0.84
C HIS B 281 1.50 -24.41 0.22
N ALA B 282 1.28 -24.46 -1.09
CA ALA B 282 1.14 -25.74 -1.77
C ALA B 282 1.39 -25.68 -3.27
N LEU B 283 1.74 -26.83 -3.84
CA LEU B 283 1.84 -26.98 -5.29
C LEU B 283 0.43 -26.94 -5.85
N SER B 284 0.23 -26.17 -6.92
CA SER B 284 -1.11 -25.97 -7.45
C SER B 284 -1.10 -25.57 -8.93
N THR B 285 -2.20 -25.88 -9.62
CA THR B 285 -2.33 -25.54 -11.04
C THR B 285 -2.31 -24.03 -11.25
N ALA B 286 -1.64 -23.59 -12.31
CA ALA B 286 -1.53 -22.18 -12.61
C ALA B 286 -2.86 -21.57 -13.01
N VAL B 287 -3.13 -20.37 -12.52
CA VAL B 287 -4.39 -19.67 -12.82
C VAL B 287 -4.45 -19.23 -14.28
N VAL B 288 -3.29 -18.99 -14.87
CA VAL B 288 -3.20 -18.61 -16.27
C VAL B 288 -3.39 -19.84 -17.16
N ARG B 289 -3.99 -19.65 -18.32
CA ARG B 289 -4.23 -20.72 -19.28
C ARG B 289 -2.97 -21.54 -19.57
N ASN B 290 -3.11 -22.85 -19.57
CA ASN B 290 -1.99 -23.74 -19.86
C ASN B 290 -2.23 -24.60 -21.11
N THR B 291 -1.18 -24.77 -21.91
CA THR B 291 -1.26 -25.58 -23.11
C THR B 291 -0.64 -26.94 -22.87
N HIS B 292 -0.35 -27.24 -21.61
CA HIS B 292 0.33 -28.48 -21.24
C HIS B 292 -0.62 -29.67 -21.26
N GLY B 293 -1.83 -29.49 -20.74
CA GLY B 293 -2.83 -30.53 -20.78
C GLY B 293 -3.32 -31.00 -19.42
N CYS B 294 -3.17 -30.15 -18.41
CA CYS B 294 -3.70 -30.45 -17.08
C CYS B 294 -5.22 -30.56 -17.16
N LYS B 295 -5.76 -31.58 -16.49
CA LYS B 295 -7.19 -31.83 -16.54
C LYS B 295 -7.93 -31.42 -15.27
N VAL B 296 -7.20 -30.75 -14.37
CA VAL B 296 -7.81 -30.19 -13.17
C VAL B 296 -7.52 -28.69 -13.10
N GLY B 297 -8.27 -27.98 -12.27
CA GLY B 297 -8.12 -26.54 -12.15
C GLY B 297 -8.77 -25.80 -13.30
N PRO B 298 -8.24 -24.63 -13.66
CA PRO B 298 -7.07 -23.98 -13.03
C PRO B 298 -7.41 -23.35 -11.69
N GLY B 299 -6.42 -23.25 -10.80
CA GLY B 299 -6.62 -22.66 -9.50
C GLY B 299 -6.75 -23.69 -8.39
N ARG B 300 -6.82 -24.96 -8.78
CA ARG B 300 -6.96 -26.05 -7.81
C ARG B 300 -5.65 -26.38 -7.12
N VAL B 301 -5.75 -26.90 -5.90
CA VAL B 301 -4.58 -27.24 -5.10
C VAL B 301 -4.20 -28.71 -5.29
N LEU B 302 -2.91 -29.00 -5.22
CA LEU B 302 -2.43 -30.38 -5.34
C LEU B 302 -1.84 -30.86 -4.02
N PRO B 303 -2.40 -31.95 -3.47
CA PRO B 303 -2.00 -32.57 -2.20
C PRO B 303 -0.52 -32.93 -2.15
N THR B 304 0.18 -32.43 -1.15
CA THR B 304 1.60 -32.72 -0.96
C THR B 304 1.89 -33.12 0.47
N PRO B 305 1.66 -34.41 0.79
CA PRO B 305 1.92 -34.95 2.13
C PRO B 305 3.39 -34.87 2.52
N THR B 306 4.28 -35.29 1.63
CA THR B 306 5.70 -35.29 1.91
C THR B 306 6.47 -34.44 0.88
N GLU B 307 7.75 -34.22 1.14
CA GLU B 307 8.61 -33.49 0.21
C GLU B 307 8.77 -34.26 -1.09
N LYS B 308 8.83 -35.59 -0.98
CA LYS B 308 8.99 -36.45 -2.15
C LYS B 308 7.84 -36.30 -3.12
N ASP B 309 6.65 -36.03 -2.59
CA ASP B 309 5.45 -35.89 -3.41
C ASP B 309 5.48 -34.66 -4.30
N VAL B 310 6.26 -33.65 -3.91
CA VAL B 310 6.40 -32.46 -4.72
C VAL B 310 7.31 -32.74 -5.92
N PHE B 311 8.48 -33.30 -5.65
CA PHE B 311 9.41 -33.69 -6.70
C PHE B 311 8.77 -34.66 -7.69
N ARG B 312 8.07 -35.65 -7.16
CA ARG B 312 7.41 -36.67 -7.98
C ARG B 312 6.34 -36.05 -8.88
N LEU B 313 5.59 -35.10 -8.32
CA LEU B 313 4.53 -34.43 -9.07
C LEU B 313 5.09 -33.52 -10.16
N LEU B 314 6.32 -33.06 -9.97
CA LEU B 314 6.98 -32.20 -10.95
C LEU B 314 7.75 -33.03 -11.97
N GLY B 315 7.71 -34.35 -11.83
CA GLY B 315 8.43 -35.24 -12.70
C GLY B 315 9.93 -35.16 -12.45
N LEU B 316 10.28 -34.86 -11.20
CA LEU B 316 11.68 -34.71 -10.81
C LEU B 316 12.07 -35.76 -9.78
N PRO B 317 13.30 -36.29 -9.89
CA PRO B 317 13.81 -37.22 -8.87
C PRO B 317 14.02 -36.49 -7.55
N TYR B 318 13.76 -37.16 -6.44
CA TYR B 318 13.91 -36.53 -5.13
C TYR B 318 15.35 -36.12 -4.86
N ARG B 319 15.52 -35.00 -4.16
CA ARG B 319 16.84 -34.53 -3.77
C ARG B 319 16.90 -34.32 -2.26
N GLU B 320 17.91 -34.89 -1.63
CA GLU B 320 18.15 -34.66 -0.20
C GLU B 320 18.49 -33.18 0.01
N PRO B 321 18.13 -32.64 1.19
CA PRO B 321 18.35 -31.23 1.53
C PRO B 321 19.77 -30.75 1.22
N ALA B 322 20.75 -31.62 1.40
CA ALA B 322 22.14 -31.27 1.14
C ALA B 322 22.39 -30.98 -0.34
N GLU B 323 21.67 -31.69 -1.20
CA GLU B 323 21.79 -31.49 -2.64
C GLU B 323 21.00 -30.28 -3.12
N ARG B 324 20.14 -29.77 -2.25
CA ARG B 324 19.28 -28.64 -2.60
C ARG B 324 19.95 -27.31 -2.27
N ASP B 325 21.27 -27.34 -2.03
CA ASP B 325 22.03 -26.14 -1.72
C ASP B 325 22.19 -25.26 -2.96
N TRP B 326 22.88 -25.79 -3.96
CA TRP B 326 23.11 -25.08 -5.22
C TRP B 326 23.74 -23.71 -5.02
#